data_3M37
#
_entry.id   3M37
#
_cell.length_a   57.100
_cell.length_b   72.200
_cell.length_c   78.700
_cell.angle_alpha   90.00
_cell.angle_beta   90.00
_cell.angle_gamma   90.00
#
_symmetry.space_group_name_H-M   'P 21 21 21'
#
loop_
_entity.id
_entity.type
_entity.pdbx_description
1 polymer 'Coagulation factor X'
2 polymer 'Coagulation factor X'
3 non-polymer "1-[2-(aminomethyl)phenyl]-N-(3-fluoro-2'-sulfamoylbiphenyl-4-yl)-3-(trifluoromethyl)-1H-pyrazole-5-carboxamide"
4 non-polymer 'CALCIUM ION'
5 water water
#
loop_
_entity_poly.entity_id
_entity_poly.type
_entity_poly.pdbx_seq_one_letter_code
_entity_poly.pdbx_strand_id
1 'polypeptide(L)'
;IVGGQECKDGECPWQALLINEENEGFCGGTILSEFYILTAAHCLYQAKRFKVRVGDRNTEQEEGGEAVHEVEVVIKHNRF
TKETYDFDIAVLRLKTPITFRMNVAPACLPERDWAESTLMTQKTGIVSGFGRTHEKGRQSTRLKMLEVPYVDRNSCKLSS
SFIITQNMFCAGYDTKQEDACQGDSGGPHVTRFKDTYFVTGIVSWGEGCARKGKYGIYTKVTAFLKWIDRSMKT
;
A
2 'polypeptide(L)' KLCSLDNGDCDQFCHEEQNSVVCSCARGYTLADNGKACIPTGPYPCGKQTLE L
#
# COMPACT_ATOMS: atom_id res chain seq x y z
N ILE A 1 -10.71 9.31 -1.13
CA ILE A 1 -11.49 8.15 -0.63
C ILE A 1 -12.98 8.49 -0.48
N VAL A 2 -13.83 7.78 -1.21
CA VAL A 2 -15.28 7.97 -1.12
C VAL A 2 -15.78 7.04 -0.02
N GLY A 3 -16.46 7.59 0.97
CA GLY A 3 -16.93 6.77 2.07
C GLY A 3 -15.76 6.50 3.00
N GLY A 4 -15.76 5.35 3.67
CA GLY A 4 -14.67 5.04 4.57
C GLY A 4 -14.68 5.87 5.84
N GLN A 5 -13.52 5.95 6.51
CA GLN A 5 -13.42 6.71 7.75
C GLN A 5 -12.08 7.43 7.83
N GLU A 6 -12.00 8.41 8.72
CA GLU A 6 -10.77 9.16 8.95
C GLU A 6 -9.73 8.23 9.55
N CYS A 7 -8.47 8.39 9.17
CA CYS A 7 -7.41 7.60 9.77
C CYS A 7 -7.14 8.29 11.10
N LYS A 8 -7.39 7.60 12.20
CA LYS A 8 -7.16 8.20 13.50
C LYS A 8 -5.69 8.14 13.86
N ASP A 9 -5.32 8.81 14.94
CA ASP A 9 -3.93 8.88 15.38
C ASP A 9 -3.24 7.51 15.37
N GLY A 10 -2.21 7.40 14.54
CA GLY A 10 -1.43 6.17 14.45
C GLY A 10 -1.98 4.99 13.65
N GLU A 11 -3.15 5.13 13.03
CA GLU A 11 -3.75 4.02 12.29
C GLU A 11 -3.21 3.78 10.88
N CYS A 12 -2.60 4.79 10.27
CA CYS A 12 -2.07 4.65 8.90
C CYS A 12 -0.71 5.33 8.82
N PRO A 13 0.24 4.87 9.66
CA PRO A 13 1.60 5.41 9.73
C PRO A 13 2.46 5.26 8.48
N TRP A 14 2.10 4.30 7.62
CA TRP A 14 2.85 4.06 6.39
C TRP A 14 2.41 4.93 5.23
N GLN A 15 1.42 5.80 5.46
CA GLN A 15 0.93 6.67 4.37
C GLN A 15 1.94 7.78 4.06
N ALA A 16 2.16 8.00 2.76
CA ALA A 16 3.05 9.06 2.32
C ALA A 16 2.25 9.92 1.35
N LEU A 17 2.61 11.20 1.26
CA LEU A 17 1.93 12.13 0.38
C LEU A 17 2.96 12.80 -0.53
N LEU A 18 2.73 12.74 -1.84
CA LEU A 18 3.63 13.39 -2.78
C LEU A 18 3.12 14.81 -2.94
N ILE A 19 4.02 15.79 -2.78
CA ILE A 19 3.61 17.17 -2.89
C ILE A 19 4.38 17.92 -3.97
N ASN A 20 3.67 18.73 -4.75
CA ASN A 20 4.33 19.48 -5.82
C ASN A 20 4.94 20.77 -5.28
N GLU A 21 5.39 21.63 -6.19
CA GLU A 21 6.02 22.89 -5.84
C GLU A 21 5.18 23.82 -4.96
N GLU A 22 3.86 23.65 -5.04
CA GLU A 22 2.93 24.47 -4.26
C GLU A 22 2.61 23.80 -2.92
N ASN A 23 3.35 22.76 -2.59
CA ASN A 23 3.15 22.01 -1.35
C ASN A 23 1.74 21.42 -1.23
N GLU A 24 1.16 21.04 -2.37
CA GLU A 24 -0.15 20.43 -2.38
C GLU A 24 0.00 18.96 -2.77
N GLY A 25 -0.64 18.07 -2.03
CA GLY A 25 -0.56 16.65 -2.33
C GLY A 25 -1.33 16.29 -3.59
N PHE A 26 -0.73 15.48 -4.45
CA PHE A 26 -1.40 15.09 -5.69
C PHE A 26 -1.45 13.57 -5.86
N CYS A 27 -0.80 12.85 -4.95
CA CYS A 27 -0.78 11.40 -4.98
C CYS A 27 -0.28 10.86 -3.66
N GLY A 28 -0.61 9.60 -3.37
CA GLY A 28 -0.16 9.00 -2.14
C GLY A 28 1.02 8.08 -2.40
N GLY A 29 1.50 7.44 -1.33
CA GLY A 29 2.62 6.53 -1.45
C GLY A 29 2.65 5.68 -0.20
N THR A 30 3.52 4.68 -0.17
CA THR A 30 3.63 3.81 1.01
C THR A 30 5.09 3.77 1.47
N ILE A 31 5.30 3.98 2.76
CA ILE A 31 6.65 3.94 3.32
C ILE A 31 7.04 2.46 3.40
N LEU A 32 8.16 2.10 2.77
CA LEU A 32 8.66 0.72 2.77
C LEU A 32 9.85 0.56 3.72
N SER A 33 10.62 1.64 3.88
CA SER A 33 11.79 1.63 4.75
C SER A 33 12.20 3.08 4.94
N GLU A 34 13.26 3.33 5.71
CA GLU A 34 13.67 4.70 5.97
C GLU A 34 14.07 5.50 4.73
N PHE A 35 14.49 4.81 3.67
CA PHE A 35 14.89 5.49 2.43
C PHE A 35 13.96 5.28 1.23
N TYR A 36 12.99 4.37 1.34
CA TYR A 36 12.14 4.08 0.19
C TYR A 36 10.63 4.24 0.31
N ILE A 37 10.04 4.79 -0.76
CA ILE A 37 8.60 5.01 -0.85
C ILE A 37 8.10 4.26 -2.10
N LEU A 38 6.95 3.62 -1.97
CA LEU A 38 6.33 2.90 -3.09
C LEU A 38 5.17 3.75 -3.56
N THR A 39 5.03 3.93 -4.88
CA THR A 39 3.93 4.72 -5.42
C THR A 39 3.56 4.24 -6.82
N ALA A 40 2.68 4.97 -7.49
CA ALA A 40 2.26 4.58 -8.83
C ALA A 40 3.02 5.31 -9.93
N ALA A 41 3.45 4.58 -10.95
CA ALA A 41 4.18 5.18 -12.06
C ALA A 41 3.43 6.34 -12.71
N HIS A 42 2.12 6.23 -12.87
CA HIS A 42 1.34 7.28 -13.52
C HIS A 42 1.29 8.59 -12.75
N CYS A 43 1.73 8.57 -11.49
CA CYS A 43 1.76 9.77 -10.67
C CYS A 43 2.95 10.64 -11.08
N LEU A 44 3.99 10.00 -11.60
CA LEU A 44 5.20 10.71 -12.00
C LEU A 44 5.00 11.57 -13.25
N TYR A 45 3.74 11.86 -13.56
CA TYR A 45 3.39 12.69 -14.71
C TYR A 45 2.54 13.85 -14.17
N GLN A 46 1.92 13.62 -13.01
CA GLN A 46 1.06 14.59 -12.37
C GLN A 46 1.84 15.82 -11.89
N ALA A 47 3.16 15.73 -11.93
CA ALA A 47 4.02 16.83 -11.50
C ALA A 47 5.49 16.54 -11.85
N LYS A 48 6.22 17.58 -12.23
CA LYS A 48 7.63 17.44 -12.57
C LYS A 48 8.42 17.21 -11.29
N ARG A 49 8.75 18.31 -10.61
CA ARG A 49 9.49 18.24 -9.35
C ARG A 49 8.51 18.07 -8.20
N PHE A 50 8.82 17.15 -7.29
CA PHE A 50 7.96 16.92 -6.14
C PHE A 50 8.78 16.40 -4.96
N LYS A 51 8.18 16.47 -3.78
CA LYS A 51 8.82 16.00 -2.55
C LYS A 51 7.86 15.06 -1.87
N VAL A 52 8.27 14.47 -0.76
CA VAL A 52 7.40 13.54 -0.06
C VAL A 52 7.21 13.95 1.38
N ARG A 53 5.97 13.97 1.82
CA ARG A 53 5.67 14.33 3.20
C ARG A 53 5.15 13.08 3.92
N VAL A 54 5.63 12.87 5.15
CA VAL A 54 5.20 11.75 5.95
C VAL A 54 4.69 12.25 7.29
N GLY A 55 3.88 11.44 7.96
CA GLY A 55 3.35 11.82 9.25
C GLY A 55 2.24 12.84 9.21
N ASP A 56 1.71 13.12 8.03
CA ASP A 56 0.64 14.10 7.91
C ASP A 56 -0.73 13.40 7.94
N ARG A 57 -1.70 14.03 8.58
CA ARG A 57 -3.04 13.47 8.68
C ARG A 57 -4.07 14.57 8.39
N ASN A 58 -3.66 15.81 8.60
CA ASN A 58 -4.52 16.97 8.38
C ASN A 58 -3.75 18.02 7.55
N THR A 59 -4.12 18.16 6.28
CA THR A 59 -3.45 19.08 5.37
C THR A 59 -3.57 20.58 5.70
N GLU A 60 -4.59 20.95 6.48
CA GLU A 60 -4.81 22.36 6.81
C GLU A 60 -3.70 23.05 7.59
N GLN A 61 -3.34 22.50 8.74
CA GLN A 61 -2.29 23.10 9.56
C GLN A 61 -1.11 22.17 9.74
N GLU A 62 -0.14 22.57 10.57
CA GLU A 62 1.03 21.74 10.81
C GLU A 62 1.15 21.38 12.28
N GLU A 63 0.82 20.13 12.59
CA GLU A 63 0.87 19.63 13.96
C GLU A 63 2.27 19.65 14.56
N GLY A 64 3.25 19.22 13.78
CA GLY A 64 4.62 19.19 14.27
C GLY A 64 5.23 17.81 14.15
N GLY A 65 4.43 16.86 13.67
CA GLY A 65 4.91 15.50 13.51
C GLY A 65 5.20 15.19 12.06
N GLU A 66 4.85 16.12 11.17
CA GLU A 66 5.08 15.96 9.74
C GLU A 66 6.54 16.19 9.42
N ALA A 67 6.99 15.62 8.30
CA ALA A 67 8.37 15.76 7.86
C ALA A 67 8.43 15.67 6.34
N VAL A 68 9.20 16.57 5.72
CA VAL A 68 9.32 16.58 4.27
C VAL A 68 10.66 16.00 3.84
N HIS A 69 10.62 15.15 2.83
CA HIS A 69 11.83 14.51 2.32
C HIS A 69 11.97 14.73 0.82
N GLU A 70 13.16 15.16 0.41
CA GLU A 70 13.41 15.36 -1.00
C GLU A 70 13.71 14.01 -1.61
N VAL A 71 13.42 13.86 -2.89
CA VAL A 71 13.66 12.60 -3.58
C VAL A 71 15.02 12.65 -4.24
N GLU A 72 15.81 11.60 -4.04
CA GLU A 72 17.13 11.50 -4.62
C GLU A 72 17.06 10.80 -5.97
N VAL A 73 16.34 9.68 -6.02
CA VAL A 73 16.20 8.92 -7.26
C VAL A 73 14.78 8.42 -7.47
N VAL A 74 14.29 8.60 -8.70
CA VAL A 74 12.97 8.15 -9.06
C VAL A 74 13.10 6.93 -9.95
N ILE A 75 12.50 5.82 -9.53
CA ILE A 75 12.57 4.62 -10.33
C ILE A 75 11.17 4.21 -10.76
N LYS A 76 10.83 4.53 -12.01
CA LYS A 76 9.54 4.20 -12.58
C LYS A 76 9.68 3.00 -13.49
N HIS A 77 8.71 2.09 -13.46
CA HIS A 77 8.78 0.91 -14.30
C HIS A 77 8.76 1.35 -15.76
N ASN A 78 9.78 0.94 -16.52
CA ASN A 78 9.90 1.30 -17.92
C ASN A 78 8.78 0.78 -18.82
N ARG A 79 7.98 -0.16 -18.32
CA ARG A 79 6.90 -0.71 -19.13
C ARG A 79 5.55 -0.03 -18.94
N PHE A 80 5.47 0.93 -18.02
CA PHE A 80 4.20 1.62 -17.82
C PHE A 80 3.79 2.46 -19.02
N THR A 81 2.50 2.43 -19.35
CA THR A 81 1.96 3.23 -20.44
C THR A 81 0.53 3.63 -20.09
N LYS A 82 0.14 4.84 -20.44
CA LYS A 82 -1.19 5.33 -20.14
C LYS A 82 -2.23 4.63 -21.02
N GLU A 83 -1.76 3.93 -22.03
CA GLU A 83 -2.65 3.23 -22.95
C GLU A 83 -3.25 1.98 -22.30
N THR A 84 -2.51 1.39 -21.37
CA THR A 84 -2.96 0.18 -20.69
C THR A 84 -2.98 0.31 -19.17
N TYR A 85 -2.16 1.23 -18.65
CA TYR A 85 -2.02 1.46 -17.22
C TYR A 85 -1.38 0.26 -16.55
N ASP A 86 -0.82 -0.63 -17.38
CA ASP A 86 -0.15 -1.83 -16.87
C ASP A 86 1.19 -1.40 -16.28
N PHE A 87 1.72 -2.21 -15.37
CA PHE A 87 3.01 -1.90 -14.73
C PHE A 87 2.96 -0.55 -14.01
N ASP A 88 1.83 -0.23 -13.41
CA ASP A 88 1.70 1.06 -12.72
C ASP A 88 2.40 1.01 -11.36
N ILE A 89 3.71 1.15 -11.39
CA ILE A 89 4.51 1.10 -10.16
C ILE A 89 5.80 1.90 -10.26
N ALA A 90 6.19 2.49 -9.13
CA ALA A 90 7.42 3.28 -9.05
C ALA A 90 7.94 3.24 -7.63
N VAL A 91 9.27 3.33 -7.49
CA VAL A 91 9.90 3.35 -6.19
C VAL A 91 10.74 4.63 -6.07
N LEU A 92 10.66 5.29 -4.92
CA LEU A 92 11.41 6.51 -4.71
C LEU A 92 12.44 6.32 -3.60
N ARG A 93 13.68 6.72 -3.86
CA ARG A 93 14.72 6.64 -2.83
C ARG A 93 14.86 8.09 -2.36
N LEU A 94 14.73 8.30 -1.06
CA LEU A 94 14.82 9.64 -0.50
C LEU A 94 16.26 10.07 -0.22
N LYS A 95 16.49 11.38 -0.23
CA LYS A 95 17.83 11.91 0.03
C LYS A 95 18.22 11.69 1.48
N THR A 96 17.26 11.85 2.39
CA THR A 96 17.51 11.67 3.81
C THR A 96 16.58 10.59 4.36
N PRO A 97 17.05 9.83 5.38
CA PRO A 97 16.26 8.76 5.99
C PRO A 97 15.09 9.28 6.83
N ILE A 98 13.95 8.60 6.69
CA ILE A 98 12.75 8.96 7.44
C ILE A 98 12.94 8.54 8.90
N THR A 99 12.55 9.39 9.83
CA THR A 99 12.64 9.07 11.24
C THR A 99 11.28 8.51 11.63
N PHE A 100 11.25 7.26 12.05
CA PHE A 100 9.99 6.65 12.44
C PHE A 100 9.55 7.16 13.80
N ARG A 101 8.24 7.38 13.92
CA ARG A 101 7.65 7.89 15.15
C ARG A 101 6.14 7.71 15.04
N MET A 102 5.43 8.32 15.97
CA MET A 102 3.98 8.28 15.96
C MET A 102 3.54 8.74 14.57
N ASN A 103 2.73 7.93 13.90
CA ASN A 103 2.21 8.23 12.56
C ASN A 103 3.22 8.12 11.42
N VAL A 104 4.38 7.54 11.70
CA VAL A 104 5.40 7.37 10.67
C VAL A 104 6.09 6.03 10.89
N ALA A 105 5.70 5.05 10.09
CA ALA A 105 6.26 3.69 10.17
C ALA A 105 6.06 3.00 8.83
N PRO A 106 6.94 2.04 8.50
CA PRO A 106 6.82 1.34 7.23
C PRO A 106 5.84 0.16 7.29
N ALA A 107 5.28 -0.19 6.13
CA ALA A 107 4.39 -1.32 6.02
C ALA A 107 5.31 -2.46 5.58
N CYS A 108 4.99 -3.68 5.96
CA CYS A 108 5.82 -4.84 5.62
C CYS A 108 5.65 -5.30 4.18
N LEU A 109 6.76 -5.71 3.56
CA LEU A 109 6.72 -6.26 2.22
C LEU A 109 6.66 -7.76 2.48
N PRO A 110 5.66 -8.46 1.91
CA PRO A 110 5.55 -9.90 2.13
C PRO A 110 6.28 -10.69 1.04
N GLU A 111 6.41 -12.00 1.25
CA GLU A 111 7.04 -12.87 0.26
C GLU A 111 5.95 -13.16 -0.76
N ARG A 112 6.32 -13.43 -1.99
CA ARG A 112 5.36 -13.69 -3.06
C ARG A 112 4.34 -14.80 -2.81
N ASP A 113 4.82 -16.03 -2.74
CA ASP A 113 3.92 -17.17 -2.53
C ASP A 113 3.00 -17.02 -1.31
N TRP A 114 3.57 -16.62 -0.18
CA TRP A 114 2.76 -16.48 1.02
C TRP A 114 1.68 -15.43 0.83
N ALA A 115 2.07 -14.25 0.36
CA ALA A 115 1.12 -13.16 0.14
C ALA A 115 -0.03 -13.61 -0.75
N GLU A 116 0.29 -14.30 -1.85
CA GLU A 116 -0.73 -14.76 -2.78
C GLU A 116 -1.65 -15.83 -2.18
N SER A 117 -1.09 -16.74 -1.39
CA SER A 117 -1.87 -17.80 -0.78
C SER A 117 -2.58 -17.40 0.51
N THR A 118 -1.97 -16.51 1.27
CA THR A 118 -2.54 -16.13 2.56
C THR A 118 -3.08 -14.70 2.71
N LEU A 119 -2.42 -13.74 2.08
CA LEU A 119 -2.90 -12.36 2.18
C LEU A 119 -4.01 -12.03 1.20
N MET A 120 -3.76 -12.29 -0.08
CA MET A 120 -4.74 -11.97 -1.09
C MET A 120 -5.98 -12.86 -1.09
N THR A 121 -6.01 -13.86 -0.21
CA THR A 121 -7.16 -14.74 -0.12
C THR A 121 -8.03 -14.32 1.06
N GLN A 122 -7.55 -13.32 1.82
CA GLN A 122 -8.31 -12.81 2.95
C GLN A 122 -9.56 -12.13 2.38
N LYS A 123 -10.53 -11.85 3.23
CA LYS A 123 -11.76 -11.22 2.78
C LYS A 123 -11.57 -9.79 2.32
N THR A 124 -10.77 -9.02 3.06
CA THR A 124 -10.58 -7.62 2.72
C THR A 124 -9.17 -7.06 2.86
N GLY A 125 -9.00 -5.84 2.38
CA GLY A 125 -7.76 -5.11 2.45
C GLY A 125 -8.13 -3.68 2.82
N ILE A 126 -7.12 -2.84 3.06
CA ILE A 126 -7.37 -1.45 3.43
C ILE A 126 -6.66 -0.48 2.47
N VAL A 127 -7.40 0.50 1.97
CA VAL A 127 -6.82 1.50 1.08
C VAL A 127 -6.94 2.85 1.80
N SER A 128 -6.02 3.77 1.51
CA SER A 128 -6.04 5.07 2.18
C SER A 128 -5.44 6.16 1.31
N GLY A 129 -5.81 7.41 1.63
CA GLY A 129 -5.29 8.53 0.89
C GLY A 129 -6.03 9.83 1.16
N PHE A 130 -5.51 10.90 0.58
CA PHE A 130 -6.07 12.24 0.70
C PHE A 130 -6.90 12.58 -0.54
N GLY A 131 -7.27 11.55 -1.31
CA GLY A 131 -8.04 11.78 -2.53
C GLY A 131 -9.41 12.40 -2.36
N ARG A 132 -10.10 12.61 -3.49
CA ARG A 132 -11.43 13.18 -3.50
C ARG A 132 -12.40 12.30 -2.71
N THR A 133 -13.40 12.92 -2.10
CA THR A 133 -14.40 12.21 -1.32
C THR A 133 -15.69 12.02 -2.13
N HIS A 134 -15.67 12.53 -3.36
CA HIS A 134 -16.79 12.42 -4.29
C HIS A 134 -16.16 12.48 -5.66
N GLU A 135 -16.82 11.92 -6.67
CA GLU A 135 -16.25 11.93 -8.01
C GLU A 135 -15.86 13.34 -8.44
N LYS A 136 -16.71 14.32 -8.12
CA LYS A 136 -16.44 15.72 -8.44
C LYS A 136 -16.26 16.46 -7.10
N GLY A 137 -15.04 16.91 -6.83
CA GLY A 137 -14.76 17.62 -5.60
C GLY A 137 -13.27 17.85 -5.37
N ARG A 138 -12.96 18.62 -4.33
CA ARG A 138 -11.57 18.93 -4.00
C ARG A 138 -10.95 17.77 -3.22
N GLN A 139 -9.62 17.75 -3.14
CA GLN A 139 -8.92 16.71 -2.40
C GLN A 139 -9.33 16.81 -0.93
N SER A 140 -9.23 15.71 -0.21
CA SER A 140 -9.58 15.73 1.21
C SER A 140 -8.41 16.32 1.98
N THR A 141 -8.70 17.14 2.99
CA THR A 141 -7.65 17.74 3.80
C THR A 141 -7.32 16.76 4.92
N ARG A 142 -8.12 15.71 5.05
CA ARG A 142 -7.92 14.70 6.08
C ARG A 142 -7.61 13.34 5.46
N LEU A 143 -6.69 12.62 6.07
CA LEU A 143 -6.32 11.30 5.58
C LEU A 143 -7.47 10.36 5.90
N LYS A 144 -7.92 9.61 4.89
CA LYS A 144 -9.00 8.65 5.07
C LYS A 144 -8.56 7.23 4.74
N MET A 145 -9.29 6.27 5.28
CA MET A 145 -9.01 4.86 5.05
C MET A 145 -10.32 4.16 4.71
N LEU A 146 -10.23 3.03 4.01
CA LEU A 146 -11.43 2.29 3.63
C LEU A 146 -11.14 0.80 3.51
N GLU A 147 -11.98 -0.01 4.13
CA GLU A 147 -11.82 -1.46 4.04
C GLU A 147 -12.48 -1.84 2.72
N VAL A 148 -11.73 -2.52 1.85
CA VAL A 148 -12.26 -2.93 0.55
C VAL A 148 -12.12 -4.43 0.35
N PRO A 149 -13.24 -5.12 0.09
CA PRO A 149 -13.22 -6.57 -0.13
C PRO A 149 -12.43 -6.92 -1.38
N TYR A 150 -11.72 -8.04 -1.34
CA TYR A 150 -11.01 -8.49 -2.53
C TYR A 150 -12.14 -8.89 -3.46
N VAL A 151 -11.96 -8.68 -4.76
CA VAL A 151 -12.99 -9.01 -5.74
C VAL A 151 -12.54 -10.14 -6.67
N ASP A 152 -13.43 -11.10 -6.90
CA ASP A 152 -13.16 -12.24 -7.78
C ASP A 152 -12.57 -11.74 -9.09
N ARG A 153 -11.45 -12.34 -9.51
CA ARG A 153 -10.79 -11.91 -10.73
C ARG A 153 -11.65 -12.02 -11.99
N ASN A 154 -12.41 -13.09 -12.09
CA ASN A 154 -13.26 -13.27 -13.26
C ASN A 154 -14.38 -12.22 -13.26
N SER A 155 -14.94 -11.95 -12.09
CA SER A 155 -16.01 -10.97 -11.96
C SER A 155 -15.57 -9.57 -12.38
N CYS A 156 -14.37 -9.18 -11.97
CA CYS A 156 -13.87 -7.85 -12.30
C CYS A 156 -13.49 -7.71 -13.77
N LYS A 157 -12.97 -8.77 -14.38
CA LYS A 157 -12.62 -8.70 -15.79
C LYS A 157 -13.88 -8.44 -16.60
N LEU A 158 -14.96 -9.10 -16.22
CA LEU A 158 -16.24 -8.97 -16.89
C LEU A 158 -16.77 -7.54 -16.77
N SER A 159 -16.70 -7.00 -15.56
CA SER A 159 -17.20 -5.66 -15.27
C SER A 159 -16.33 -4.54 -15.82
N SER A 160 -15.15 -4.85 -16.31
CA SER A 160 -14.23 -3.83 -16.80
C SER A 160 -14.24 -3.61 -18.31
N SER A 161 -14.30 -2.35 -18.71
CA SER A 161 -14.30 -2.02 -20.13
C SER A 161 -12.83 -1.93 -20.57
N PHE A 162 -11.93 -2.18 -19.63
CA PHE A 162 -10.49 -2.16 -19.89
C PHE A 162 -9.89 -3.51 -19.49
N ILE A 163 -8.81 -3.88 -20.14
CA ILE A 163 -8.16 -5.15 -19.83
C ILE A 163 -7.49 -5.15 -18.46
N ILE A 164 -7.82 -6.16 -17.66
CA ILE A 164 -7.24 -6.30 -16.34
C ILE A 164 -6.07 -7.27 -16.52
N THR A 165 -4.86 -6.75 -16.51
CA THR A 165 -3.67 -7.58 -16.69
C THR A 165 -3.33 -8.36 -15.43
N GLN A 166 -2.36 -9.27 -15.54
CA GLN A 166 -1.95 -10.05 -14.37
C GLN A 166 -1.19 -9.21 -13.35
N ASN A 167 -0.90 -7.96 -13.68
CA ASN A 167 -0.21 -7.07 -12.75
C ASN A 167 -1.22 -6.24 -11.95
N MET A 168 -2.50 -6.52 -12.17
CA MET A 168 -3.57 -5.80 -11.50
C MET A 168 -4.51 -6.75 -10.76
N PHE A 169 -5.17 -6.26 -9.73
CA PHE A 169 -6.16 -7.04 -9.00
C PHE A 169 -7.26 -6.05 -8.63
N CYS A 170 -8.44 -6.57 -8.31
CA CYS A 170 -9.57 -5.69 -8.00
C CYS A 170 -10.07 -5.82 -6.57
N ALA A 171 -10.53 -4.70 -6.03
CA ALA A 171 -11.05 -4.67 -4.67
C ALA A 171 -12.09 -3.57 -4.59
N GLY A 172 -13.06 -3.74 -3.71
CA GLY A 172 -14.09 -2.73 -3.56
C GLY A 172 -15.48 -3.35 -3.49
N TYR A 173 -16.47 -2.57 -3.92
CA TYR A 173 -17.86 -2.98 -3.89
C TYR A 173 -18.53 -2.83 -5.24
N ASP A 174 -19.54 -3.66 -5.49
CA ASP A 174 -20.27 -3.58 -6.74
C ASP A 174 -21.21 -2.37 -6.73
N THR A 175 -22.03 -2.26 -5.70
CA THR A 175 -22.98 -1.15 -5.60
C THR A 175 -22.75 -0.20 -4.41
N LYS A 176 -22.18 -0.71 -3.33
CA LYS A 176 -21.92 0.11 -2.15
C LYS A 176 -21.04 1.30 -2.55
N GLN A 177 -21.46 2.50 -2.17
CA GLN A 177 -20.75 3.73 -2.52
C GLN A 177 -19.48 4.04 -1.73
N GLU A 178 -18.47 3.19 -1.87
CA GLU A 178 -17.18 3.39 -1.22
C GLU A 178 -16.12 2.95 -2.21
N ASP A 179 -15.07 3.74 -2.36
CA ASP A 179 -14.02 3.41 -3.32
C ASP A 179 -12.90 4.43 -3.23
N ALA A 180 -11.78 4.13 -3.89
CA ALA A 180 -10.67 5.07 -3.93
C ALA A 180 -11.11 6.05 -5.01
N CYS A 181 -10.48 7.23 -5.05
CA CYS A 181 -10.86 8.23 -6.03
C CYS A 181 -9.65 9.07 -6.42
N GLN A 182 -9.82 9.94 -7.41
CA GLN A 182 -8.75 10.80 -7.91
C GLN A 182 -7.92 11.40 -6.76
N GLY A 183 -6.62 11.19 -6.82
CA GLY A 183 -5.74 11.71 -5.78
C GLY A 183 -5.21 10.62 -4.87
N ASP A 184 -5.94 9.52 -4.76
CA ASP A 184 -5.52 8.40 -3.92
C ASP A 184 -4.46 7.55 -4.62
N SER A 185 -4.29 7.78 -5.92
CA SER A 185 -3.32 7.06 -6.73
C SER A 185 -1.95 6.99 -6.05
N GLY A 186 -1.33 5.82 -6.14
CA GLY A 186 0.00 5.62 -5.57
C GLY A 186 -0.03 5.26 -4.10
N GLY A 187 -1.20 5.44 -3.50
CA GLY A 187 -1.36 5.15 -2.08
C GLY A 187 -1.30 3.68 -1.73
N PRO A 188 -1.31 3.36 -0.44
CA PRO A 188 -1.26 1.96 -0.03
C PRO A 188 -2.54 1.16 -0.02
N HIS A 189 -2.40 -0.11 -0.34
CA HIS A 189 -3.46 -1.08 -0.23
C HIS A 189 -2.71 -2.08 0.63
N VAL A 190 -3.14 -2.25 1.88
CA VAL A 190 -2.49 -3.18 2.79
C VAL A 190 -3.47 -4.22 3.29
N THR A 191 -2.94 -5.37 3.69
CA THR A 191 -3.76 -6.46 4.20
C THR A 191 -3.24 -6.82 5.59
N ARG A 192 -4.16 -6.90 6.55
CA ARG A 192 -3.79 -7.22 7.92
C ARG A 192 -3.77 -8.71 8.13
N PHE A 193 -2.75 -9.19 8.84
CA PHE A 193 -2.62 -10.58 9.19
C PHE A 193 -2.04 -10.62 10.60
N LYS A 194 -2.82 -11.11 11.55
CA LYS A 194 -2.41 -11.17 12.95
C LYS A 194 -1.85 -9.82 13.42
N ASP A 195 -2.64 -8.78 13.19
CA ASP A 195 -2.29 -7.42 13.59
C ASP A 195 -1.03 -6.83 12.96
N THR A 196 -0.60 -7.38 11.84
CA THR A 196 0.56 -6.87 11.14
C THR A 196 0.08 -6.57 9.73
N TYR A 197 0.38 -5.35 9.26
CA TYR A 197 -0.05 -4.93 7.93
C TYR A 197 1.02 -5.04 6.85
N PHE A 198 0.67 -5.75 5.78
CA PHE A 198 1.59 -5.95 4.66
C PHE A 198 1.08 -5.20 3.44
N VAL A 199 1.98 -4.56 2.69
CA VAL A 199 1.56 -3.85 1.49
C VAL A 199 1.23 -4.88 0.43
N THR A 200 0.01 -4.87 -0.08
CA THR A 200 -0.41 -5.82 -1.10
C THR A 200 -0.76 -5.17 -2.42
N GLY A 201 -0.95 -3.85 -2.41
CA GLY A 201 -1.28 -3.18 -3.65
C GLY A 201 -0.96 -1.71 -3.63
N ILE A 202 -1.08 -1.09 -4.80
CA ILE A 202 -0.85 0.33 -5.00
C ILE A 202 -2.12 0.87 -5.66
N VAL A 203 -2.71 1.93 -5.10
CA VAL A 203 -3.91 2.49 -5.70
C VAL A 203 -3.55 2.86 -7.14
N SER A 204 -4.31 2.34 -8.10
CA SER A 204 -4.01 2.61 -9.51
C SER A 204 -5.11 3.36 -10.25
N TRP A 205 -6.24 2.71 -10.50
CA TRP A 205 -7.32 3.36 -11.22
C TRP A 205 -8.69 2.74 -11.03
N GLY A 206 -9.68 3.33 -11.69
CA GLY A 206 -11.05 2.85 -11.62
C GLY A 206 -11.89 3.68 -12.58
N GLU A 207 -12.94 3.10 -13.12
CA GLU A 207 -13.81 3.82 -14.04
C GLU A 207 -14.80 4.62 -13.19
N GLY A 208 -14.41 5.84 -12.85
CA GLY A 208 -15.25 6.67 -12.01
C GLY A 208 -15.00 6.24 -10.57
N CYS A 209 -15.77 6.76 -9.63
CA CYS A 209 -15.57 6.38 -8.25
C CYS A 209 -16.83 5.84 -7.59
N ALA A 210 -16.73 4.61 -7.08
CA ALA A 210 -17.83 3.94 -6.42
C ALA A 210 -19.01 3.71 -7.37
N ARG A 211 -18.74 3.70 -8.66
CA ARG A 211 -19.80 3.49 -9.64
C ARG A 211 -20.35 2.07 -9.56
N LYS A 212 -21.68 1.95 -9.64
CA LYS A 212 -22.34 0.65 -9.57
C LYS A 212 -21.83 -0.28 -10.68
N GLY A 213 -21.45 -1.50 -10.29
CA GLY A 213 -20.96 -2.45 -11.27
C GLY A 213 -19.50 -2.28 -11.64
N LYS A 214 -18.83 -1.34 -10.98
CA LYS A 214 -17.42 -1.08 -11.23
C LYS A 214 -16.62 -1.24 -9.94
N TYR A 215 -15.38 -1.72 -10.06
CA TYR A 215 -14.53 -1.93 -8.89
C TYR A 215 -13.25 -1.09 -8.95
N GLY A 216 -12.50 -1.07 -7.86
CA GLY A 216 -11.26 -0.32 -7.83
C GLY A 216 -10.15 -1.23 -8.33
N ILE A 217 -9.23 -0.67 -9.12
CA ILE A 217 -8.12 -1.45 -9.66
C ILE A 217 -6.82 -1.07 -8.95
N TYR A 218 -6.06 -2.08 -8.55
CA TYR A 218 -4.82 -1.88 -7.84
C TYR A 218 -3.66 -2.65 -8.45
N THR A 219 -2.46 -2.07 -8.37
CA THR A 219 -1.28 -2.75 -8.87
C THR A 219 -0.99 -3.86 -7.86
N LYS A 220 -0.72 -5.07 -8.36
CA LYS A 220 -0.43 -6.19 -7.49
C LYS A 220 1.03 -6.20 -7.09
N VAL A 221 1.30 -5.82 -5.84
CA VAL A 221 2.66 -5.75 -5.35
C VAL A 221 3.43 -7.07 -5.50
N THR A 222 2.74 -8.21 -5.32
CA THR A 222 3.41 -9.51 -5.42
C THR A 222 4.04 -9.78 -6.79
N ALA A 223 3.53 -9.12 -7.82
CA ALA A 223 4.04 -9.31 -9.17
C ALA A 223 5.34 -8.54 -9.41
N PHE A 224 5.71 -7.68 -8.47
CA PHE A 224 6.91 -6.85 -8.60
C PHE A 224 7.88 -6.89 -7.42
N LEU A 225 7.79 -7.92 -6.58
CA LEU A 225 8.68 -8.01 -5.43
C LEU A 225 10.16 -7.98 -5.81
N LYS A 226 10.52 -8.72 -6.86
CA LYS A 226 11.90 -8.76 -7.31
C LYS A 226 12.29 -7.43 -7.93
N TRP A 227 11.36 -6.81 -8.63
CA TRP A 227 11.60 -5.52 -9.25
C TRP A 227 11.84 -4.49 -8.14
N ILE A 228 11.03 -4.58 -7.08
CA ILE A 228 11.15 -3.66 -5.94
C ILE A 228 12.48 -3.88 -5.24
N ASP A 229 12.83 -5.13 -5.01
CA ASP A 229 14.09 -5.46 -4.37
C ASP A 229 15.26 -4.88 -5.15
N ARG A 230 15.26 -5.07 -6.47
CA ARG A 230 16.33 -4.55 -7.31
C ARG A 230 16.39 -3.02 -7.24
N SER A 231 15.22 -2.39 -7.13
CA SER A 231 15.17 -0.94 -7.06
C SER A 231 15.76 -0.39 -5.75
N MET A 232 15.52 -1.12 -4.65
CA MET A 232 16.02 -0.69 -3.35
C MET A 232 17.50 -0.97 -3.18
N LYS A 233 18.17 -1.27 -4.29
CA LYS A 233 19.60 -1.54 -4.29
C LYS A 233 20.30 -0.58 -5.25
N THR A 234 19.71 -0.40 -6.42
CA THR A 234 20.26 0.49 -7.44
C THR A 234 19.37 1.72 -7.62
N LYS B 1 -3.04 -29.97 7.04
CA LYS B 1 -2.86 -28.93 5.98
C LYS B 1 -1.55 -28.16 6.10
N LEU B 2 -0.81 -28.38 7.18
CA LEU B 2 0.46 -27.67 7.40
C LEU B 2 0.26 -26.16 7.26
N CYS B 3 0.86 -25.53 6.26
CA CYS B 3 0.70 -24.09 6.08
C CYS B 3 -0.75 -23.70 5.78
N SER B 4 -1.53 -24.65 5.29
CA SER B 4 -2.93 -24.37 4.99
C SER B 4 -3.81 -24.47 6.23
N LEU B 5 -3.25 -25.00 7.31
CA LEU B 5 -3.97 -25.13 8.56
C LEU B 5 -3.55 -23.98 9.47
N ASP B 6 -4.36 -22.93 9.50
CA ASP B 6 -4.09 -21.75 10.32
C ASP B 6 -2.65 -21.25 10.16
N ASN B 7 -2.24 -21.07 8.90
CA ASN B 7 -0.90 -20.59 8.59
C ASN B 7 0.22 -21.35 9.31
N GLY B 8 -0.03 -22.62 9.64
CA GLY B 8 0.97 -23.43 10.32
C GLY B 8 1.35 -22.88 11.69
N ASP B 9 0.47 -22.06 12.25
CA ASP B 9 0.69 -21.45 13.56
C ASP B 9 1.79 -20.40 13.52
N CYS B 10 2.18 -19.98 12.32
CA CYS B 10 3.23 -18.98 12.14
C CYS B 10 2.65 -17.58 12.33
N ASP B 11 3.46 -16.67 12.86
CA ASP B 11 3.06 -15.28 13.04
C ASP B 11 2.98 -14.62 11.67
N GLN B 12 3.97 -14.92 10.83
CA GLN B 12 4.01 -14.32 9.51
C GLN B 12 4.19 -15.32 8.38
N PHE B 13 5.35 -15.30 7.71
CA PHE B 13 5.58 -16.21 6.60
C PHE B 13 5.59 -17.68 7.01
N CYS B 14 4.97 -18.52 6.18
CA CYS B 14 4.92 -19.95 6.43
C CYS B 14 5.35 -20.65 5.14
N HIS B 15 6.31 -21.56 5.27
CA HIS B 15 6.82 -22.34 4.15
C HIS B 15 6.76 -23.81 4.53
N GLU B 16 6.80 -24.67 3.52
CA GLU B 16 6.78 -26.12 3.76
C GLU B 16 8.07 -26.73 3.22
N GLU B 17 8.87 -27.25 4.14
CA GLU B 17 10.15 -27.88 3.80
C GLU B 17 10.20 -29.28 4.38
N GLN B 18 10.56 -30.26 3.53
CA GLN B 18 10.63 -31.65 3.96
C GLN B 18 9.25 -32.06 4.46
N ASN B 19 8.22 -31.44 3.90
CA ASN B 19 6.84 -31.70 4.27
C ASN B 19 6.57 -31.29 5.72
N SER B 20 7.22 -30.22 6.14
CA SER B 20 7.05 -29.69 7.49
C SER B 20 6.96 -28.18 7.46
N VAL B 21 6.29 -27.62 8.47
CA VAL B 21 6.11 -26.17 8.56
C VAL B 21 7.39 -25.46 9.00
N VAL B 22 7.71 -24.38 8.30
CA VAL B 22 8.87 -23.57 8.63
C VAL B 22 8.41 -22.11 8.58
N CYS B 23 8.44 -21.44 9.72
CA CYS B 23 8.02 -20.04 9.83
C CYS B 23 9.20 -19.10 9.63
N SER B 24 8.91 -17.90 9.14
CA SER B 24 9.94 -16.88 8.94
C SER B 24 9.28 -15.52 9.10
N CYS B 25 10.08 -14.46 9.19
CA CYS B 25 9.54 -13.12 9.40
C CYS B 25 10.04 -12.06 8.42
N ALA B 26 9.35 -10.92 8.39
CA ALA B 26 9.73 -9.83 7.52
C ALA B 26 11.00 -9.20 8.11
N ARG B 27 11.70 -8.39 7.31
CA ARG B 27 12.92 -7.75 7.80
C ARG B 27 12.55 -6.85 8.97
N GLY B 28 13.40 -6.84 9.99
CA GLY B 28 13.13 -6.02 11.16
C GLY B 28 12.53 -6.86 12.28
N TYR B 29 12.33 -8.14 11.99
CA TYR B 29 11.77 -9.09 12.95
C TYR B 29 12.71 -10.28 13.05
N THR B 30 12.73 -10.90 14.23
CA THR B 30 13.56 -12.08 14.45
C THR B 30 12.62 -13.22 14.83
N LEU B 31 12.90 -14.42 14.32
CA LEU B 31 12.07 -15.57 14.64
C LEU B 31 12.31 -15.95 16.09
N ALA B 32 11.22 -16.05 16.85
CA ALA B 32 11.32 -16.40 18.27
C ALA B 32 11.84 -17.81 18.48
N ASP B 33 12.23 -18.10 19.71
CA ASP B 33 12.75 -19.42 20.07
C ASP B 33 11.81 -20.56 19.70
N ASN B 34 10.49 -20.33 19.76
CA ASN B 34 9.54 -21.39 19.42
C ASN B 34 9.42 -21.62 17.92
N GLY B 35 10.18 -20.86 17.14
CA GLY B 35 10.16 -21.00 15.69
C GLY B 35 8.85 -20.63 15.02
N LYS B 36 8.02 -19.87 15.72
CA LYS B 36 6.71 -19.48 15.17
C LYS B 36 6.45 -17.97 15.25
N ALA B 37 6.68 -17.39 16.42
CA ALA B 37 6.45 -15.95 16.61
C ALA B 37 7.56 -15.10 16.01
N CYS B 38 7.22 -13.85 15.69
CA CYS B 38 8.15 -12.90 15.13
C CYS B 38 8.32 -11.78 16.14
N ILE B 39 9.57 -11.53 16.54
CA ILE B 39 9.89 -10.51 17.54
C ILE B 39 10.50 -9.27 16.89
N PRO B 40 9.89 -8.09 17.09
CA PRO B 40 10.45 -6.87 16.48
C PRO B 40 11.82 -6.54 17.10
N THR B 41 12.70 -5.90 16.34
CA THR B 41 14.05 -5.55 16.81
C THR B 41 14.17 -4.09 17.20
N GLY B 42 13.19 -3.28 16.79
CA GLY B 42 13.21 -1.87 17.11
C GLY B 42 11.84 -1.35 17.52
N PRO B 43 11.75 -0.07 17.92
CA PRO B 43 10.50 0.56 18.36
C PRO B 43 9.43 0.74 17.27
N TYR B 44 9.83 0.70 16.01
CA TYR B 44 8.87 0.88 14.92
C TYR B 44 8.96 -0.18 13.84
N PRO B 45 8.63 -1.43 14.20
CA PRO B 45 8.69 -2.52 13.21
C PRO B 45 7.67 -2.30 12.10
N CYS B 46 7.97 -2.80 10.91
CA CYS B 46 7.05 -2.62 9.81
C CYS B 46 5.70 -3.29 10.08
N GLY B 47 4.65 -2.72 9.52
CA GLY B 47 3.32 -3.30 9.67
C GLY B 47 2.60 -3.09 10.99
N LYS B 48 3.20 -2.35 11.91
CA LYS B 48 2.52 -2.14 13.18
C LYS B 48 2.02 -0.70 13.32
N GLN B 49 0.73 -0.56 13.59
CA GLN B 49 0.16 0.77 13.78
C GLN B 49 0.84 1.35 15.01
N THR B 50 0.98 2.67 15.04
CA THR B 50 1.64 3.35 16.16
C THR B 50 0.57 3.88 17.10
N LEU B 51 0.06 3.00 17.96
CA LEU B 51 -0.99 3.37 18.91
C LEU B 51 -0.48 3.30 20.35
N GLU B 52 0.25 4.32 20.78
CA GLU B 52 0.76 4.34 22.15
C GLU B 52 1.00 5.76 22.65
#